data_8RPG
#
_entry.id   8RPG
#
_cell.length_a   80.510
_cell.length_b   97.688
_cell.length_c   68.047
_cell.angle_alpha   90.00
_cell.angle_beta   90.00
_cell.angle_gamma   90.00
#
_symmetry.space_group_name_H-M   'P 21 21 2'
#
loop_
_entity.id
_entity.type
_entity.pdbx_description
1 polymer 'Alcohol oxidase'
2 non-polymer 'FLAVIN-ADENINE DINUCLEOTIDE'
3 non-polymer 'TRIETHYLENE GLYCOL'
4 non-polymer GLYCEROL
5 water water
#
_entity_poly.entity_id   1
_entity_poly.type   'polypeptide(L)'
_entity_poly.pdbx_seq_one_letter_code
;MGSSHHHHHHSSGLVPRGSHMSGTAFDYVIVGAGSAGCVLAARLSEDPEVRVALVEAGGADTDRAVRIPAAAAHLFGTGY
DWGYSTVPQAGLGGREVYWPRGRTLGGSSSVNFLMWVPGHAEDYEPWARAAGDLWSWDAVRPFLRGAEHWTGGPGAVYGT
EGPLWISPPRSPDPTTARFLQACGEAGLKEMTGGPGGPEHSGCALTPLNERNGARWSAADGYLRPAMDRGNLEVITGEQV
HRVLLEDGRATGVELAGRTLTARREVVLSAGTVGSAQLLMLSGIGDGPQLRAAGVEPRVQLPGVGRNLQDHVAVDVMMRA
TVAVPLADPDTPANRELYERERRGPLSSNIAEAVAFLRADGGTGAPDLELIWAPVADSEAVGGQGLTIAVVLLQPDSRGG
ITLAGADPSAAPLIDPGYLGAESDVRTLAAGVRFAERLFAAEALRGLVDGPAAPWPGPVGDDALERLVRERASTLFHPVG
TCRMGRAGDEQAVVDPWLRVHGVEGLRVADASVIPRVPRGHTHAHAVMIGERAAELIRPAG
;
_entity_poly.pdbx_strand_id   A
#
# COMPACT_ATOMS: atom_id res chain seq x y z
N THR A 24 23.13 7.41 -21.21
CA THR A 24 22.58 6.37 -22.11
C THR A 24 21.12 6.70 -22.38
N ALA A 25 20.69 6.32 -23.59
CA ALA A 25 19.46 6.83 -24.16
C ALA A 25 18.47 5.70 -24.30
N PHE A 26 17.21 6.03 -23.95
CA PHE A 26 16.11 5.08 -23.93
C PHE A 26 14.92 5.77 -24.58
N ASP A 27 13.89 4.98 -24.92
CA ASP A 27 12.60 5.54 -25.28
C ASP A 27 11.80 5.95 -24.03
N TYR A 28 11.75 5.04 -23.06
CA TYR A 28 11.05 5.24 -21.78
C TYR A 28 12.02 5.05 -20.63
N VAL A 29 12.02 6.01 -19.69
CA VAL A 29 12.73 5.90 -18.42
C VAL A 29 11.69 5.85 -17.31
N ILE A 30 11.60 4.70 -16.62
CA ILE A 30 10.70 4.53 -15.48
C ILE A 30 11.51 4.62 -14.19
N VAL A 31 11.09 5.51 -13.28
CA VAL A 31 11.74 5.66 -11.99
C VAL A 31 10.93 4.90 -10.94
N GLY A 32 11.53 3.84 -10.42
CA GLY A 32 11.04 3.14 -9.24
C GLY A 32 10.50 1.78 -9.62
N ALA A 33 11.16 0.74 -9.11
CA ALA A 33 10.82 -0.64 -9.44
C ALA A 33 9.87 -1.20 -8.38
N GLY A 34 8.75 -0.53 -8.18
CA GLY A 34 7.78 -0.93 -7.16
C GLY A 34 6.59 -1.62 -7.79
N SER A 35 5.47 -1.57 -7.07
CA SER A 35 4.28 -2.24 -7.52
C SER A 35 3.92 -1.82 -8.95
N ALA A 36 3.82 -0.49 -9.18
CA ALA A 36 3.43 0.02 -10.49
C ALA A 36 4.58 -0.05 -11.49
N GLY A 37 5.81 0.30 -11.07
CA GLY A 37 6.94 0.46 -11.97
C GLY A 37 7.38 -0.87 -12.58
N CYS A 38 7.30 -1.95 -11.79
CA CYS A 38 7.57 -3.29 -12.29
C CYS A 38 6.60 -3.64 -13.43
N VAL A 39 5.31 -3.34 -13.23
CA VAL A 39 4.30 -3.67 -14.22
C VAL A 39 4.64 -2.91 -15.50
N LEU A 40 4.89 -1.60 -15.35
CA LEU A 40 5.09 -0.74 -16.50
C LEU A 40 6.37 -1.10 -17.27
N ALA A 41 7.44 -1.50 -16.59
CA ALA A 41 8.67 -1.88 -17.27
C ALA A 41 8.47 -3.14 -18.11
N ALA A 42 7.73 -4.09 -17.53
CA ALA A 42 7.45 -5.35 -18.18
C ALA A 42 6.57 -5.09 -19.40
N ARG A 43 5.49 -4.32 -19.22
CA ARG A 43 4.52 -4.11 -20.28
C ARG A 43 5.13 -3.31 -21.43
N LEU A 44 5.87 -2.23 -21.12
CA LEU A 44 6.38 -1.37 -22.16
C LEU A 44 7.48 -2.06 -22.97
N SER A 45 8.24 -2.97 -22.32
CA SER A 45 9.33 -3.66 -23.00
C SER A 45 8.80 -4.85 -23.83
N GLU A 46 7.50 -5.10 -23.81
CA GLU A 46 6.94 -6.18 -24.61
C GLU A 46 7.14 -5.91 -26.10
N ASP A 47 7.19 -4.64 -26.47
CA ASP A 47 7.50 -4.20 -27.82
C ASP A 47 9.03 -4.15 -27.98
N PRO A 48 9.64 -5.10 -28.72
CA PRO A 48 11.09 -5.11 -28.87
C PRO A 48 11.74 -3.91 -29.58
N GLU A 49 10.95 -3.03 -30.18
CA GLU A 49 11.52 -1.86 -30.84
C GLU A 49 11.61 -0.66 -29.90
N VAL A 50 11.18 -0.78 -28.63
CA VAL A 50 11.36 0.35 -27.72
C VAL A 50 12.31 -0.06 -26.60
N ARG A 51 13.22 0.81 -26.24
CA ARG A 51 14.17 0.53 -25.19
C ARG A 51 13.67 1.19 -23.91
N VAL A 52 13.67 0.42 -22.83
CA VAL A 52 13.07 0.81 -21.56
C VAL A 52 14.15 0.70 -20.47
N ALA A 53 14.30 1.77 -19.69
CA ALA A 53 15.10 1.78 -18.47
C ALA A 53 14.19 1.79 -17.22
N LEU A 54 14.52 0.92 -16.27
CA LEU A 54 13.83 0.92 -14.99
C LEU A 54 14.89 1.24 -13.95
N VAL A 55 14.76 2.38 -13.29
CA VAL A 55 15.78 2.88 -12.39
C VAL A 55 15.28 2.80 -10.96
N GLU A 56 16.07 2.16 -10.10
CA GLU A 56 15.67 1.84 -8.74
C GLU A 56 16.79 2.22 -7.77
N ALA A 57 16.43 2.90 -6.68
CA ALA A 57 17.38 3.33 -5.66
C ALA A 57 17.97 2.13 -4.93
N GLY A 58 17.13 1.12 -4.63
CA GLY A 58 17.55 -0.04 -3.86
C GLY A 58 18.24 -1.08 -4.73
N GLY A 59 18.63 -2.20 -4.10
CA GLY A 59 19.33 -3.27 -4.81
C GLY A 59 18.38 -4.40 -5.17
N ALA A 60 18.93 -5.52 -5.65
CA ALA A 60 18.15 -6.71 -5.88
C ALA A 60 17.50 -7.21 -4.58
N ASP A 61 16.31 -7.82 -4.73
CA ASP A 61 15.57 -8.35 -3.60
C ASP A 61 16.08 -9.74 -3.23
N THR A 62 17.25 -9.84 -2.58
CA THR A 62 17.94 -11.14 -2.46
C THR A 62 17.75 -11.76 -1.07
N ASP A 63 17.49 -10.96 -0.04
CA ASP A 63 17.43 -11.50 1.31
C ASP A 63 16.26 -12.47 1.51
N ARG A 64 16.52 -13.50 2.33
CA ARG A 64 15.57 -14.49 2.79
C ARG A 64 14.27 -13.90 3.33
N ALA A 65 14.37 -12.86 4.17
CA ALA A 65 13.19 -12.28 4.80
C ALA A 65 12.21 -11.68 3.78
N VAL A 66 12.66 -11.47 2.53
CA VAL A 66 11.77 -11.06 1.46
C VAL A 66 10.88 -12.23 1.07
N ARG A 67 11.44 -13.44 1.02
CA ARG A 67 10.70 -14.61 0.51
C ARG A 67 9.69 -15.18 1.52
N ILE A 68 10.08 -15.14 2.81
CA ILE A 68 9.34 -15.84 3.85
C ILE A 68 8.22 -14.93 4.39
N PRO A 69 6.95 -15.32 4.23
CA PRO A 69 5.84 -14.42 4.56
C PRO A 69 5.89 -13.89 5.99
N ALA A 70 6.26 -14.75 6.96
CA ALA A 70 6.23 -14.39 8.36
C ALA A 70 7.32 -13.37 8.70
N ALA A 71 8.30 -13.18 7.81
CA ALA A 71 9.49 -12.42 8.15
C ALA A 71 9.41 -10.95 7.75
N ALA A 72 8.33 -10.56 7.05
CA ALA A 72 8.26 -9.26 6.39
C ALA A 72 8.62 -8.10 7.32
N ALA A 73 8.07 -8.11 8.54
CA ALA A 73 8.29 -6.98 9.45
C ALA A 73 9.75 -6.86 9.86
N HIS A 74 10.55 -7.93 9.71
CA HIS A 74 11.95 -7.85 10.08
C HIS A 74 12.73 -6.99 9.09
N LEU A 75 12.12 -6.61 7.96
CA LEU A 75 12.81 -5.74 7.02
C LEU A 75 12.74 -4.25 7.43
N PHE A 76 11.90 -3.91 8.40
CA PHE A 76 11.82 -2.55 8.90
C PHE A 76 13.17 -2.11 9.45
N GLY A 77 13.59 -0.92 9.02
CA GLY A 77 14.81 -0.29 9.51
C GLY A 77 16.06 -0.85 8.85
N THR A 78 15.92 -1.72 7.84
CA THR A 78 17.03 -2.30 7.10
C THR A 78 17.27 -1.52 5.81
N GLY A 79 18.26 -1.98 5.02
CA GLY A 79 18.51 -1.40 3.71
C GLY A 79 17.32 -1.53 2.76
N TYR A 80 16.39 -2.46 3.08
CA TYR A 80 15.24 -2.71 2.24
C TYR A 80 14.15 -1.68 2.49
N ASP A 81 14.38 -0.74 3.43
CA ASP A 81 13.36 0.18 3.91
C ASP A 81 13.91 1.60 3.86
N TRP A 82 13.17 2.52 3.22
CA TRP A 82 13.55 3.92 3.22
C TRP A 82 13.61 4.49 4.63
N GLY A 83 12.74 4.05 5.53
CA GLY A 83 12.82 4.45 6.94
C GLY A 83 12.43 5.91 7.15
N TYR A 84 11.36 6.35 6.50
CA TYR A 84 10.84 7.68 6.77
C TYR A 84 10.10 7.74 8.10
N SER A 85 9.90 8.97 8.59
CA SER A 85 9.02 9.25 9.71
C SER A 85 8.26 10.54 9.45
N THR A 86 7.05 10.66 10.02
CA THR A 86 6.29 11.89 9.89
C THR A 86 6.87 12.94 10.83
N VAL A 87 6.49 14.18 10.56
CA VAL A 87 6.67 15.27 11.50
C VAL A 87 5.76 14.98 12.69
N PRO A 88 5.94 15.71 13.83
CA PRO A 88 5.04 15.51 14.98
C PRO A 88 3.60 15.77 14.57
N GLN A 89 2.69 14.87 14.97
CA GLN A 89 1.28 14.96 14.60
C GLN A 89 0.42 15.45 15.78
N ALA A 90 -0.22 16.61 15.60
CA ALA A 90 -0.99 17.23 16.67
C ALA A 90 -2.17 16.34 17.04
N GLY A 91 -2.82 15.73 16.03
CA GLY A 91 -3.93 14.82 16.25
C GLY A 91 -3.54 13.55 17.02
N LEU A 92 -2.24 13.29 17.18
CA LEU A 92 -1.72 12.12 17.91
C LEU A 92 -0.94 12.57 19.14
N GLY A 93 -1.25 13.77 19.61
CA GLY A 93 -0.61 14.30 20.80
C GLY A 93 0.86 14.60 20.55
N GLY A 94 1.27 14.87 19.31
CA GLY A 94 2.67 15.19 19.06
C GLY A 94 3.53 14.00 18.63
N ARG A 95 2.95 12.79 18.57
CA ARG A 95 3.73 11.63 18.18
C ARG A 95 4.13 11.73 16.71
N GLU A 96 5.31 11.19 16.42
CA GLU A 96 5.78 10.99 15.06
C GLU A 96 5.48 9.54 14.70
N VAL A 97 5.14 9.28 13.45
CA VAL A 97 4.74 7.96 13.01
C VAL A 97 5.78 7.45 12.01
N TYR A 98 6.23 6.22 12.23
CA TYR A 98 7.22 5.59 11.38
C TYR A 98 6.55 5.21 10.05
N TRP A 99 7.25 5.49 8.94
CA TRP A 99 6.75 5.24 7.59
C TRP A 99 7.75 4.34 6.85
N PRO A 100 7.65 3.00 7.00
CA PRO A 100 8.45 2.13 6.17
C PRO A 100 7.99 2.27 4.72
N ARG A 101 8.94 2.09 3.81
CA ARG A 101 8.72 2.05 2.38
C ARG A 101 9.73 1.12 1.74
N GLY A 102 9.30 0.26 0.81
CA GLY A 102 10.23 -0.69 0.21
C GLY A 102 11.28 0.00 -0.67
N ARG A 103 12.51 -0.54 -0.60
CA ARG A 103 13.66 0.04 -1.23
C ARG A 103 14.47 -1.10 -1.80
N THR A 104 14.00 -1.61 -2.95
CA THR A 104 14.55 -2.81 -3.56
C THR A 104 13.74 -3.09 -4.83
N LEU A 105 14.16 -4.08 -5.62
CA LEU A 105 13.32 -4.48 -6.75
C LEU A 105 12.01 -5.02 -6.20
N GLY A 106 10.90 -4.53 -6.76
CA GLY A 106 9.56 -4.84 -6.29
C GLY A 106 9.02 -3.77 -5.33
N GLY A 107 9.87 -2.83 -4.92
CA GLY A 107 9.45 -1.77 -4.04
C GLY A 107 8.75 -2.31 -2.79
N SER A 108 7.65 -1.66 -2.47
CA SER A 108 6.92 -2.02 -1.29
C SER A 108 6.24 -3.39 -1.45
N SER A 109 6.06 -3.89 -2.70
CA SER A 109 5.50 -5.23 -2.87
C SER A 109 6.49 -6.30 -2.38
N SER A 110 7.77 -5.93 -2.17
CA SER A 110 8.77 -6.84 -1.66
C SER A 110 8.86 -6.85 -0.13
N VAL A 111 8.22 -5.90 0.57
CA VAL A 111 8.37 -5.78 2.01
C VAL A 111 7.02 -5.76 2.73
N ASN A 112 5.91 -5.85 1.96
CA ASN A 112 4.60 -5.61 2.53
C ASN A 112 4.08 -6.89 3.19
N PHE A 113 2.83 -6.85 3.67
CA PHE A 113 2.30 -7.98 4.43
C PHE A 113 1.46 -8.94 3.59
N LEU A 114 1.68 -8.90 2.27
CA LEU A 114 1.18 -9.88 1.31
C LEU A 114 -0.34 -9.96 1.20
N MET A 115 -1.06 -8.96 1.71
CA MET A 115 -2.51 -8.96 1.68
C MET A 115 -3.01 -8.46 0.34
N TRP A 116 -3.80 -9.30 -0.36
CA TRP A 116 -4.45 -8.85 -1.57
C TRP A 116 -5.92 -8.63 -1.25
N VAL A 117 -6.27 -7.37 -1.09
CA VAL A 117 -7.55 -6.93 -0.57
C VAL A 117 -7.94 -5.73 -1.42
N PRO A 118 -8.47 -5.99 -2.63
CA PRO A 118 -8.51 -4.98 -3.68
C PRO A 118 -9.55 -3.87 -3.65
N GLY A 119 -10.37 -3.78 -2.60
CA GLY A 119 -11.22 -2.61 -2.53
C GLY A 119 -12.65 -2.88 -3.03
N HIS A 120 -13.49 -1.81 -2.97
CA HIS A 120 -14.90 -1.86 -3.30
C HIS A 120 -15.18 -1.05 -4.57
N ALA A 121 -16.14 -1.50 -5.40
CA ALA A 121 -16.43 -0.87 -6.69
C ALA A 121 -16.78 0.61 -6.53
N GLU A 122 -17.39 0.98 -5.41
CA GLU A 122 -17.80 2.36 -5.17
C GLU A 122 -16.63 3.29 -4.91
N ASP A 123 -15.44 2.72 -4.66
CA ASP A 123 -14.24 3.52 -4.41
C ASP A 123 -13.92 4.36 -5.62
N TYR A 124 -14.33 3.90 -6.82
CA TYR A 124 -14.00 4.56 -8.08
C TYR A 124 -14.92 5.73 -8.42
N GLU A 125 -15.99 5.91 -7.66
CA GLU A 125 -16.89 7.04 -7.90
C GLU A 125 -16.12 8.36 -7.79
N PRO A 126 -15.33 8.62 -6.72
CA PRO A 126 -14.53 9.84 -6.69
C PRO A 126 -13.41 9.93 -7.72
N TRP A 127 -12.94 8.78 -8.25
CA TRP A 127 -11.98 8.82 -9.34
C TRP A 127 -12.64 9.27 -10.64
N ALA A 128 -13.78 8.66 -10.97
CA ALA A 128 -14.57 9.09 -12.13
C ALA A 128 -15.01 10.56 -11.98
N ARG A 129 -15.31 11.03 -10.76
CA ARG A 129 -15.67 12.43 -10.56
C ARG A 129 -14.49 13.33 -10.90
N ALA A 130 -13.29 12.92 -10.51
CA ALA A 130 -12.08 13.72 -10.75
C ALA A 130 -11.64 13.67 -12.21
N ALA A 131 -11.66 12.47 -12.81
CA ALA A 131 -10.87 12.22 -14.00
C ALA A 131 -11.68 11.59 -15.12
N GLY A 132 -12.98 11.41 -14.92
CA GLY A 132 -13.87 10.95 -15.97
C GLY A 132 -14.00 9.43 -15.99
N ASP A 133 -14.71 8.95 -17.03
CA ASP A 133 -15.16 7.57 -17.13
C ASP A 133 -14.03 6.62 -17.47
N LEU A 134 -12.89 7.14 -17.91
CA LEU A 134 -11.66 6.37 -17.99
C LEU A 134 -11.32 5.68 -16.68
N TRP A 135 -11.75 6.26 -15.54
CA TRP A 135 -11.37 5.77 -14.23
C TRP A 135 -12.61 5.36 -13.45
N SER A 136 -13.67 4.98 -14.17
CA SER A 136 -14.80 4.35 -13.51
C SER A 136 -14.45 2.90 -13.19
N TRP A 137 -15.26 2.28 -12.34
CA TRP A 137 -15.07 0.87 -12.01
C TRP A 137 -15.10 -0.01 -13.25
N ASP A 138 -16.10 0.25 -14.12
CA ASP A 138 -16.22 -0.54 -15.34
C ASP A 138 -14.93 -0.45 -16.13
N ALA A 139 -14.27 0.71 -16.18
CA ALA A 139 -13.03 0.80 -16.95
C ALA A 139 -11.88 0.06 -16.27
N VAL A 140 -11.80 0.11 -14.93
CA VAL A 140 -10.58 -0.35 -14.28
C VAL A 140 -10.65 -1.87 -14.04
N ARG A 141 -11.86 -2.39 -13.86
CA ARG A 141 -12.09 -3.76 -13.43
C ARG A 141 -11.21 -4.74 -14.21
N PRO A 142 -11.18 -4.71 -15.56
CA PRO A 142 -10.45 -5.72 -16.31
C PRO A 142 -8.95 -5.68 -16.06
N PHE A 143 -8.44 -4.47 -15.81
CA PHE A 143 -7.04 -4.28 -15.50
C PHE A 143 -6.73 -4.92 -14.14
N LEU A 144 -7.62 -4.80 -13.18
CA LEU A 144 -7.43 -5.35 -11.85
C LEU A 144 -7.56 -6.87 -11.90
N ARG A 145 -8.67 -7.36 -12.47
CA ARG A 145 -8.86 -8.79 -12.64
C ARG A 145 -7.73 -9.38 -13.46
N GLY A 146 -7.24 -8.62 -14.45
CA GLY A 146 -6.19 -9.10 -15.33
C GLY A 146 -4.85 -9.32 -14.62
N ALA A 147 -4.65 -8.71 -13.44
CA ALA A 147 -3.37 -8.83 -12.75
C ALA A 147 -3.32 -10.13 -11.94
N GLU A 148 -4.48 -10.74 -11.70
CA GLU A 148 -4.67 -11.79 -10.69
C GLU A 148 -4.68 -13.18 -11.32
N HIS A 149 -4.01 -14.12 -10.64
CA HIS A 149 -4.15 -15.56 -10.86
C HIS A 149 -4.47 -16.29 -9.56
N TRP A 150 -5.75 -16.48 -9.28
CA TRP A 150 -6.26 -17.12 -8.08
C TRP A 150 -5.99 -18.63 -8.12
N THR A 151 -5.47 -19.17 -7.00
CA THR A 151 -5.08 -20.57 -6.94
C THR A 151 -6.04 -21.33 -6.03
N GLY A 152 -7.05 -20.67 -5.49
CA GLY A 152 -7.94 -21.29 -4.50
C GLY A 152 -9.18 -21.89 -5.17
N GLY A 153 -10.25 -22.00 -4.37
CA GLY A 153 -11.49 -22.63 -4.83
C GLY A 153 -12.33 -21.72 -5.73
N PRO A 154 -13.26 -22.30 -6.53
CA PRO A 154 -14.03 -21.52 -7.49
C PRO A 154 -14.95 -20.63 -6.66
N GLY A 155 -15.56 -19.66 -7.32
CA GLY A 155 -16.45 -18.76 -6.60
C GLY A 155 -15.73 -17.55 -6.04
N ALA A 156 -14.39 -17.49 -6.18
CA ALA A 156 -13.68 -16.28 -5.75
C ALA A 156 -13.86 -15.24 -6.84
N VAL A 157 -13.82 -13.97 -6.47
CA VAL A 157 -14.00 -12.91 -7.44
C VAL A 157 -12.76 -12.76 -8.31
N TYR A 158 -11.60 -13.28 -7.88
CA TYR A 158 -10.33 -12.90 -8.49
C TYR A 158 -10.19 -13.53 -9.89
N GLY A 159 -9.32 -12.89 -10.67
CA GLY A 159 -8.94 -13.36 -11.99
C GLY A 159 -8.16 -14.67 -11.90
N THR A 160 -8.08 -15.38 -13.02
CA THR A 160 -7.49 -16.71 -13.05
C THR A 160 -6.38 -16.79 -14.09
N GLU A 161 -5.85 -15.66 -14.58
CA GLU A 161 -4.86 -15.74 -15.64
C GLU A 161 -3.71 -14.73 -15.56
N GLY A 162 -3.67 -13.91 -14.54
CA GLY A 162 -2.71 -12.80 -14.53
C GLY A 162 -1.34 -13.16 -13.94
N PRO A 163 -0.38 -12.22 -13.97
CA PRO A 163 0.97 -12.47 -13.49
C PRO A 163 1.12 -12.70 -11.98
N LEU A 164 0.16 -12.23 -11.17
CA LEU A 164 0.27 -12.31 -9.71
C LEU A 164 -0.55 -13.45 -9.14
N TRP A 165 0.13 -14.47 -8.64
CA TRP A 165 -0.50 -15.56 -7.95
C TRP A 165 -1.15 -15.04 -6.67
N ILE A 166 -2.45 -15.34 -6.48
CA ILE A 166 -3.22 -14.96 -5.31
C ILE A 166 -3.69 -16.28 -4.69
N SER A 167 -3.39 -16.52 -3.41
CA SER A 167 -3.62 -17.82 -2.81
C SER A 167 -4.34 -17.69 -1.46
N PRO A 168 -5.16 -18.70 -1.10
CA PRO A 168 -5.64 -18.84 0.27
C PRO A 168 -4.43 -19.21 1.12
N PRO A 169 -4.50 -19.00 2.45
CA PRO A 169 -3.41 -19.38 3.34
C PRO A 169 -3.23 -20.89 3.33
N ARG A 170 -1.97 -21.33 3.37
CA ARG A 170 -1.67 -22.75 3.46
C ARG A 170 -1.87 -23.26 4.87
N SER A 171 -1.52 -22.47 5.87
CA SER A 171 -1.49 -23.01 7.22
C SER A 171 -2.05 -21.96 8.17
N PRO A 172 -3.33 -21.59 8.08
CA PRO A 172 -3.86 -20.55 8.98
C PRO A 172 -3.81 -20.98 10.45
N ASP A 173 -3.67 -20.01 11.34
CA ASP A 173 -3.68 -20.29 12.77
C ASP A 173 -5.04 -20.83 13.16
N PRO A 174 -5.11 -21.80 14.07
CA PRO A 174 -6.41 -22.30 14.53
C PRO A 174 -7.33 -21.20 15.08
N THR A 175 -6.76 -20.12 15.66
CA THR A 175 -7.61 -19.07 16.22
C THR A 175 -8.30 -18.28 15.10
N THR A 176 -7.76 -18.33 13.89
CA THR A 176 -8.31 -17.52 12.81
C THR A 176 -9.74 -17.97 12.47
N ALA A 177 -10.01 -19.30 12.50
CA ALA A 177 -11.38 -19.79 12.28
C ALA A 177 -12.30 -19.23 13.36
N ARG A 178 -11.76 -19.07 14.58
CA ARG A 178 -12.53 -18.58 15.71
C ARG A 178 -12.88 -17.10 15.52
N PHE A 179 -11.96 -16.35 14.94
CA PHE A 179 -12.23 -14.95 14.65
C PHE A 179 -13.38 -14.84 13.66
N LEU A 180 -13.33 -15.64 12.59
CA LEU A 180 -14.37 -15.64 11.58
C LEU A 180 -15.72 -16.06 12.21
N GLN A 181 -15.71 -17.03 13.12
CA GLN A 181 -16.94 -17.47 13.79
C GLN A 181 -17.50 -16.32 14.61
N ALA A 182 -16.62 -15.62 15.35
CA ALA A 182 -17.02 -14.46 16.16
C ALA A 182 -17.67 -13.38 15.29
N CYS A 183 -17.04 -13.05 14.16
CA CYS A 183 -17.60 -12.13 13.18
C CYS A 183 -19.04 -12.54 12.84
N GLY A 184 -19.20 -13.84 12.51
CA GLY A 184 -20.50 -14.45 12.25
C GLY A 184 -21.48 -14.19 13.39
N GLU A 185 -21.05 -14.41 14.61
CA GLU A 185 -21.89 -14.18 15.75
C GLU A 185 -22.31 -12.71 15.84
N ALA A 186 -21.47 -11.78 15.36
CA ALA A 186 -21.78 -10.35 15.44
C ALA A 186 -22.41 -9.79 14.17
N GLY A 187 -22.87 -10.68 13.29
CA GLY A 187 -23.65 -10.30 12.12
C GLY A 187 -22.79 -10.03 10.88
N LEU A 188 -21.49 -10.37 10.91
CA LEU A 188 -20.64 -10.24 9.75
C LEU A 188 -20.39 -11.62 9.17
N LYS A 189 -21.09 -11.94 8.07
CA LYS A 189 -21.01 -13.26 7.49
C LYS A 189 -19.82 -13.39 6.56
N GLU A 190 -19.39 -14.65 6.35
CA GLU A 190 -18.19 -14.93 5.57
C GLU A 190 -18.51 -14.64 4.10
N MET A 191 -17.61 -13.90 3.43
CA MET A 191 -17.78 -13.53 2.05
C MET A 191 -17.44 -14.74 1.18
N THR A 192 -18.33 -15.08 0.25
CA THR A 192 -18.11 -16.29 -0.53
C THR A 192 -17.04 -16.04 -1.59
N GLY A 193 -16.90 -14.80 -2.09
CA GLY A 193 -15.93 -14.50 -3.13
C GLY A 193 -14.59 -13.93 -2.60
N GLY A 194 -14.52 -13.73 -1.28
CA GLY A 194 -13.42 -12.98 -0.71
C GLY A 194 -13.66 -11.47 -0.76
N PRO A 195 -12.73 -10.70 -0.18
CA PRO A 195 -12.83 -9.24 -0.24
C PRO A 195 -12.71 -8.74 -1.68
N GLY A 196 -13.40 -7.63 -1.97
CA GLY A 196 -13.42 -7.08 -3.32
C GLY A 196 -14.58 -7.67 -4.12
N GLY A 197 -15.45 -8.41 -3.44
CA GLY A 197 -16.65 -8.96 -4.02
C GLY A 197 -17.81 -7.98 -3.87
N PRO A 198 -19.06 -8.40 -4.12
CA PRO A 198 -20.21 -7.50 -4.03
C PRO A 198 -20.61 -7.11 -2.60
N GLU A 199 -20.38 -8.04 -1.66
CA GLU A 199 -20.71 -7.87 -0.25
C GLU A 199 -20.02 -6.63 0.29
N HIS A 200 -20.81 -5.72 0.89
CA HIS A 200 -20.35 -4.51 1.53
C HIS A 200 -19.73 -4.80 2.90
N SER A 201 -20.29 -5.82 3.56
CA SER A 201 -19.96 -6.15 4.93
C SER A 201 -19.59 -7.62 4.96
N GLY A 202 -18.81 -8.07 5.93
CA GLY A 202 -18.48 -9.50 5.98
C GLY A 202 -17.07 -9.72 6.50
N CYS A 203 -16.67 -10.99 6.55
CA CYS A 203 -15.33 -11.39 6.95
C CYS A 203 -14.82 -12.44 5.98
N ALA A 204 -13.48 -12.64 5.99
CA ALA A 204 -12.85 -13.63 5.14
C ALA A 204 -11.41 -13.84 5.58
N LEU A 205 -10.87 -15.00 5.19
CA LEU A 205 -9.44 -15.19 5.16
C LEU A 205 -8.84 -14.21 4.18
N THR A 206 -7.69 -13.67 4.54
CA THR A 206 -6.95 -12.79 3.66
C THR A 206 -6.46 -13.54 2.42
N PRO A 207 -6.79 -13.10 1.19
CA PRO A 207 -6.11 -13.54 -0.02
C PRO A 207 -4.67 -13.06 0.01
N LEU A 208 -3.73 -13.90 -0.42
CA LEU A 208 -2.32 -13.57 -0.25
C LEU A 208 -1.60 -13.47 -1.59
N ASN A 209 -0.61 -12.56 -1.64
CA ASN A 209 0.38 -12.51 -2.71
C ASN A 209 1.48 -13.54 -2.47
N GLU A 210 1.12 -14.82 -2.62
CA GLU A 210 2.00 -15.94 -2.32
C GLU A 210 1.85 -17.00 -3.40
N ARG A 211 2.98 -17.64 -3.71
CA ARG A 211 2.97 -18.84 -4.53
C ARG A 211 3.79 -19.89 -3.77
N ASN A 212 3.19 -21.08 -3.54
CA ASN A 212 3.86 -22.15 -2.79
C ASN A 212 4.40 -21.65 -1.45
N GLY A 213 3.68 -20.79 -0.75
CA GLY A 213 4.04 -20.45 0.63
C GLY A 213 5.17 -19.41 0.74
N ALA A 214 5.53 -18.79 -0.39
CA ALA A 214 6.54 -17.76 -0.43
C ALA A 214 5.97 -16.51 -1.10
N ARG A 215 6.51 -15.34 -0.75
CA ARG A 215 6.09 -14.11 -1.39
C ARG A 215 6.14 -14.26 -2.91
N TRP A 216 5.10 -13.74 -3.58
CA TRP A 216 5.13 -13.50 -5.01
C TRP A 216 4.85 -12.02 -5.29
N SER A 217 5.93 -11.28 -5.48
CA SER A 217 5.92 -9.82 -5.57
C SER A 217 5.70 -9.38 -7.01
N ALA A 218 5.59 -8.06 -7.24
CA ALA A 218 5.58 -7.52 -8.60
C ALA A 218 6.90 -7.79 -9.35
N ALA A 219 8.01 -7.94 -8.61
CA ALA A 219 9.30 -8.26 -9.20
C ALA A 219 9.28 -9.70 -9.70
N ASP A 220 8.63 -10.59 -8.94
CA ASP A 220 8.46 -11.98 -9.34
C ASP A 220 7.55 -12.09 -10.56
N GLY A 221 6.38 -11.45 -10.49
CA GLY A 221 5.31 -11.66 -11.45
C GLY A 221 5.54 -10.92 -12.76
N TYR A 222 6.04 -9.68 -12.67
CA TYR A 222 6.16 -8.81 -13.84
C TYR A 222 7.61 -8.68 -14.29
N LEU A 223 8.49 -8.28 -13.38
CA LEU A 223 9.81 -7.83 -13.79
C LEU A 223 10.67 -9.01 -14.21
N ARG A 224 10.81 -10.00 -13.33
CA ARG A 224 11.76 -11.07 -13.60
C ARG A 224 11.52 -11.72 -14.97
N PRO A 225 10.30 -12.13 -15.36
CA PRO A 225 10.12 -12.71 -16.69
C PRO A 225 10.58 -11.80 -17.84
N ALA A 226 10.64 -10.47 -17.62
CA ALA A 226 11.00 -9.53 -18.67
C ALA A 226 12.50 -9.27 -18.74
N MET A 227 13.27 -9.72 -17.75
CA MET A 227 14.63 -9.21 -17.59
C MET A 227 15.62 -9.85 -18.56
N ASP A 228 15.22 -10.91 -19.29
CA ASP A 228 16.03 -11.45 -20.37
C ASP A 228 15.87 -10.65 -21.66
N ARG A 229 14.90 -9.72 -21.69
CA ARG A 229 14.70 -8.91 -22.89
C ARG A 229 15.91 -8.02 -23.13
N GLY A 230 16.35 -8.00 -24.39
CA GLY A 230 17.45 -7.15 -24.78
C GLY A 230 17.12 -5.65 -24.69
N ASN A 231 15.85 -5.27 -24.72
CA ASN A 231 15.48 -3.86 -24.72
C ASN A 231 15.09 -3.32 -23.35
N LEU A 232 15.34 -4.07 -22.27
CA LEU A 232 15.03 -3.61 -20.90
C LEU A 232 16.32 -3.54 -20.12
N GLU A 233 16.60 -2.37 -19.53
CA GLU A 233 17.73 -2.24 -18.63
C GLU A 233 17.18 -1.92 -17.25
N VAL A 234 17.52 -2.77 -16.29
CA VAL A 234 17.12 -2.57 -14.92
C VAL A 234 18.35 -2.05 -14.22
N ILE A 235 18.27 -0.80 -13.76
CA ILE A 235 19.40 -0.13 -13.15
C ILE A 235 19.16 0.05 -11.65
N THR A 236 19.91 -0.67 -10.81
CA THR A 236 19.71 -0.66 -9.37
C THR A 236 20.76 0.21 -8.71
N GLY A 237 20.52 0.55 -7.46
CA GLY A 237 21.50 1.27 -6.68
C GLY A 237 21.60 2.72 -7.16
N GLU A 238 20.53 3.25 -7.80
CA GLU A 238 20.62 4.60 -8.31
C GLU A 238 19.38 5.42 -7.92
N GLN A 239 19.57 6.33 -6.95
CA GLN A 239 18.51 7.23 -6.56
C GLN A 239 18.48 8.36 -7.58
N VAL A 240 17.29 8.60 -8.14
CA VAL A 240 17.10 9.71 -9.06
C VAL A 240 17.00 11.02 -8.28
N HIS A 241 17.65 12.07 -8.80
CA HIS A 241 17.70 13.35 -8.09
C HIS A 241 16.63 14.31 -8.61
N ARG A 242 16.33 14.24 -9.91
CA ARG A 242 15.28 15.08 -10.49
C ARG A 242 15.04 14.70 -11.94
N VAL A 243 13.95 15.25 -12.45
CA VAL A 243 13.60 15.15 -13.86
C VAL A 243 14.18 16.38 -14.54
N LEU A 244 14.82 16.16 -15.68
CA LEU A 244 15.36 17.20 -16.57
C LEU A 244 14.25 17.65 -17.50
N LEU A 245 14.06 18.98 -17.54
CA LEU A 245 13.04 19.63 -18.34
C LEU A 245 13.73 20.54 -19.35
N GLU A 246 13.29 20.48 -20.61
CA GLU A 246 13.83 21.34 -21.65
C GLU A 246 12.69 21.68 -22.60
N ASP A 247 12.46 22.98 -22.81
CA ASP A 247 11.43 23.45 -23.72
C ASP A 247 10.09 22.75 -23.44
N GLY A 248 9.75 22.64 -22.16
CA GLY A 248 8.43 22.20 -21.74
C GLY A 248 8.24 20.68 -21.78
N ARG A 249 9.33 19.94 -21.95
CA ARG A 249 9.26 18.49 -22.02
C ARG A 249 10.25 17.88 -21.03
N ALA A 250 9.92 16.72 -20.48
CA ALA A 250 10.86 15.92 -19.71
C ALA A 250 11.78 15.20 -20.68
N THR A 251 13.09 15.43 -20.58
CA THR A 251 14.04 14.89 -21.54
C THR A 251 14.84 13.73 -20.94
N GLY A 252 14.76 13.56 -19.62
CA GLY A 252 15.49 12.48 -18.97
C GLY A 252 15.43 12.63 -17.45
N VAL A 253 16.32 11.91 -16.76
CA VAL A 253 16.40 12.01 -15.31
C VAL A 253 17.86 12.12 -14.93
N GLU A 254 18.14 12.80 -13.83
CA GLU A 254 19.48 12.98 -13.35
C GLU A 254 19.72 12.04 -12.19
N LEU A 255 20.76 11.20 -12.33
CA LEU A 255 21.30 10.39 -11.25
C LEU A 255 22.44 11.19 -10.62
N ALA A 256 23.09 10.64 -9.59
CA ALA A 256 24.21 11.31 -8.97
C ALA A 256 25.30 11.57 -10.01
N GLY A 257 25.63 10.59 -10.83
CA GLY A 257 26.84 10.71 -11.62
C GLY A 257 26.57 10.90 -13.12
N ARG A 258 25.32 10.73 -13.57
CA ARG A 258 25.04 10.79 -14.99
C ARG A 258 23.56 11.02 -15.23
N THR A 259 23.21 11.19 -16.51
CA THR A 259 21.86 11.42 -16.94
C THR A 259 21.42 10.25 -17.81
N LEU A 260 20.16 9.84 -17.66
CA LEU A 260 19.52 8.91 -18.56
C LEU A 260 18.56 9.70 -19.41
N THR A 261 18.57 9.53 -20.74
CA THR A 261 17.69 10.33 -21.57
C THR A 261 16.53 9.46 -22.01
N ALA A 262 15.36 10.10 -22.20
CA ALA A 262 14.19 9.45 -22.73
C ALA A 262 13.75 10.18 -24.00
N ARG A 263 13.68 9.47 -25.12
CA ARG A 263 13.25 10.07 -26.36
C ARG A 263 11.73 10.20 -26.35
N ARG A 264 11.04 9.34 -25.59
CA ARG A 264 9.58 9.41 -25.61
C ARG A 264 9.01 9.94 -24.30
N GLU A 265 9.13 9.19 -23.20
CA GLU A 265 8.54 9.64 -21.94
C GLU A 265 9.32 9.18 -20.71
N VAL A 266 9.30 10.04 -19.70
CA VAL A 266 9.70 9.70 -18.34
C VAL A 266 8.42 9.39 -17.57
N VAL A 267 8.46 8.29 -16.82
CA VAL A 267 7.33 7.85 -16.02
C VAL A 267 7.83 7.73 -14.59
N LEU A 268 7.25 8.50 -13.69
CA LEU A 268 7.58 8.39 -12.27
C LEU A 268 6.68 7.33 -11.65
N SER A 269 7.31 6.29 -11.11
CA SER A 269 6.62 5.25 -10.37
C SER A 269 7.29 5.09 -9.00
N ALA A 270 7.66 6.23 -8.41
CA ALA A 270 8.47 6.27 -7.22
C ALA A 270 7.60 6.29 -5.94
N GLY A 271 6.28 6.21 -6.14
CA GLY A 271 5.32 6.06 -5.06
C GLY A 271 4.94 7.40 -4.44
N THR A 272 4.06 7.34 -3.44
CA THR A 272 3.41 8.49 -2.85
C THR A 272 4.43 9.47 -2.28
N VAL A 273 5.53 8.96 -1.74
CA VAL A 273 6.59 9.85 -1.30
C VAL A 273 7.47 10.29 -2.46
N GLY A 274 8.10 9.31 -3.12
CA GLY A 274 9.17 9.61 -4.06
C GLY A 274 8.67 10.36 -5.30
N SER A 275 7.48 10.04 -5.80
CA SER A 275 7.01 10.72 -7.00
C SER A 275 6.80 12.20 -6.73
N ALA A 276 6.20 12.52 -5.59
CA ALA A 276 5.92 13.90 -5.24
C ALA A 276 7.23 14.63 -4.97
N GLN A 277 8.18 13.96 -4.31
CA GLN A 277 9.42 14.60 -3.98
C GLN A 277 10.21 14.91 -5.26
N LEU A 278 10.19 13.98 -6.21
CA LEU A 278 10.90 14.17 -7.47
C LEU A 278 10.27 15.29 -8.27
N LEU A 279 8.94 15.40 -8.27
CA LEU A 279 8.34 16.52 -8.97
C LEU A 279 8.85 17.86 -8.41
N MET A 280 8.77 18.00 -7.08
CA MET A 280 9.18 19.24 -6.42
C MET A 280 10.66 19.54 -6.67
N LEU A 281 11.49 18.50 -6.62
CA LEU A 281 12.92 18.70 -6.85
C LEU A 281 13.18 19.13 -8.30
N SER A 282 12.25 18.86 -9.20
CA SER A 282 12.39 19.20 -10.61
C SER A 282 11.84 20.60 -10.90
N GLY A 283 11.34 21.26 -9.85
CA GLY A 283 10.69 22.57 -9.96
C GLY A 283 9.21 22.49 -10.33
N ILE A 284 8.58 21.31 -10.23
CA ILE A 284 7.18 21.11 -10.58
C ILE A 284 6.39 21.06 -9.28
N GLY A 285 5.52 22.06 -9.08
CA GLY A 285 4.83 22.21 -7.80
C GLY A 285 4.44 23.65 -7.52
N ASP A 286 4.23 23.98 -6.25
CA ASP A 286 3.84 25.33 -5.90
C ASP A 286 5.08 26.22 -5.82
N GLY A 287 5.18 27.16 -6.76
CA GLY A 287 6.39 27.94 -6.95
C GLY A 287 6.92 28.57 -5.68
N PRO A 288 6.05 29.26 -4.90
CA PRO A 288 6.48 29.91 -3.66
C PRO A 288 7.08 28.95 -2.64
N GLN A 289 6.49 27.77 -2.51
CA GLN A 289 7.00 26.78 -1.57
C GLN A 289 8.35 26.23 -2.04
N LEU A 290 8.44 25.94 -3.33
CA LEU A 290 9.70 25.47 -3.90
C LEU A 290 10.80 26.52 -3.72
N ARG A 291 10.45 27.80 -3.95
CA ARG A 291 11.42 28.88 -3.76
C ARG A 291 11.89 28.85 -2.31
N ALA A 292 10.98 28.71 -1.36
CA ALA A 292 11.34 28.67 0.04
C ALA A 292 12.21 27.46 0.37
N ALA A 293 12.11 26.35 -0.37
CA ALA A 293 12.96 25.17 -0.14
C ALA A 293 14.28 25.24 -0.88
N GLY A 294 14.51 26.34 -1.59
CA GLY A 294 15.74 26.51 -2.33
C GLY A 294 15.71 25.90 -3.72
N VAL A 295 14.54 25.62 -4.29
CA VAL A 295 14.45 25.04 -5.62
C VAL A 295 13.87 26.08 -6.58
N GLU A 296 14.41 26.15 -7.79
CA GLU A 296 13.93 27.05 -8.83
C GLU A 296 12.60 26.54 -9.40
N PRO A 297 11.51 27.31 -9.34
CA PRO A 297 10.24 26.88 -9.93
C PRO A 297 10.36 26.77 -11.44
N ARG A 298 9.74 25.73 -12.01
CA ARG A 298 9.72 25.57 -13.45
C ARG A 298 8.29 25.45 -13.95
N VAL A 299 7.43 24.72 -13.21
CA VAL A 299 6.06 24.52 -13.61
C VAL A 299 5.17 24.70 -12.38
N GLN A 300 4.25 25.66 -12.46
CA GLN A 300 3.31 25.90 -11.39
C GLN A 300 2.25 24.80 -11.39
N LEU A 301 2.22 24.01 -10.33
CA LEU A 301 1.34 22.86 -10.24
C LEU A 301 1.09 22.65 -8.76
N PRO A 302 0.18 23.43 -8.15
CA PRO A 302 0.20 23.51 -6.68
C PRO A 302 -0.23 22.23 -5.96
N GLY A 303 -0.86 21.31 -6.68
CA GLY A 303 -1.36 20.09 -6.07
C GLY A 303 -0.26 19.09 -5.70
N VAL A 304 0.99 19.32 -6.13
CA VAL A 304 2.05 18.34 -5.88
C VAL A 304 2.33 18.24 -4.39
N GLY A 305 2.23 17.02 -3.82
CA GLY A 305 2.46 16.80 -2.41
C GLY A 305 1.21 17.01 -1.57
N ARG A 306 0.10 17.46 -2.18
CA ARG A 306 -1.11 17.75 -1.44
C ARG A 306 -2.04 16.54 -1.53
N ASN A 307 -3.17 16.60 -0.77
CA ASN A 307 -4.20 15.57 -0.83
C ASN A 307 -3.67 14.21 -0.30
N LEU A 308 -2.64 14.24 0.55
CA LEU A 308 -2.11 13.03 1.16
C LEU A 308 -3.20 12.38 2.02
N GLN A 309 -3.46 11.10 1.77
CA GLN A 309 -4.36 10.31 2.60
C GLN A 309 -3.71 8.97 2.93
N ASP A 310 -4.16 8.38 4.05
CA ASP A 310 -3.62 7.12 4.56
C ASP A 310 -4.65 6.46 5.47
N HIS A 311 -4.59 5.14 5.55
CA HIS A 311 -5.36 4.44 6.56
C HIS A 311 -4.60 4.53 7.88
N VAL A 312 -5.38 4.59 8.96
CA VAL A 312 -4.86 4.58 10.32
C VAL A 312 -5.57 3.45 11.03
N ALA A 313 -4.81 2.78 11.92
CA ALA A 313 -5.32 1.63 12.66
C ALA A 313 -4.97 1.77 14.14
N VAL A 314 -5.83 1.19 14.98
CA VAL A 314 -5.63 0.99 16.41
C VAL A 314 -5.65 -0.51 16.69
N ASP A 315 -4.59 -1.04 17.31
CA ASP A 315 -4.51 -2.45 17.62
C ASP A 315 -5.10 -2.74 19.02
N VAL A 316 -6.16 -3.55 19.02
CA VAL A 316 -6.79 -4.06 20.24
C VAL A 316 -6.13 -5.42 20.50
N MET A 317 -5.30 -5.46 21.54
CA MET A 317 -4.44 -6.58 21.86
C MET A 317 -4.91 -7.22 23.16
N MET A 318 -5.10 -8.55 23.14
CA MET A 318 -5.53 -9.30 24.32
C MET A 318 -4.51 -10.40 24.60
N ARG A 319 -4.29 -10.68 25.89
CA ARG A 319 -3.44 -11.81 26.28
C ARG A 319 -4.13 -13.13 25.93
N ALA A 320 -3.39 -14.07 25.35
CA ALA A 320 -3.94 -15.35 24.92
C ALA A 320 -3.91 -16.39 26.05
N THR A 321 -4.86 -17.33 26.01
CA THR A 321 -4.93 -18.43 26.95
C THR A 321 -4.51 -19.72 26.26
N VAL A 322 -4.19 -19.59 24.98
CA VAL A 322 -3.81 -20.72 24.16
C VAL A 322 -2.45 -20.43 23.57
N ALA A 323 -1.86 -21.48 22.98
CA ALA A 323 -0.60 -21.38 22.24
C ALA A 323 -0.75 -20.33 21.14
N VAL A 324 0.32 -19.54 20.97
CA VAL A 324 0.40 -18.53 19.93
C VAL A 324 1.66 -18.82 19.12
N PRO A 325 1.60 -19.74 18.12
CA PRO A 325 2.76 -20.04 17.28
C PRO A 325 3.44 -18.85 16.61
N LEU A 326 2.67 -17.81 16.28
CA LEU A 326 3.26 -16.68 15.55
C LEU A 326 4.04 -15.74 16.48
N ALA A 327 3.99 -15.95 17.79
CA ALA A 327 4.79 -15.18 18.71
C ALA A 327 6.26 -15.52 18.57
N ASP A 328 6.58 -16.74 18.13
CA ASP A 328 7.96 -17.20 17.96
C ASP A 328 8.00 -18.18 16.78
N PRO A 329 7.78 -17.73 15.52
CA PRO A 329 7.64 -18.67 14.41
C PRO A 329 8.93 -19.30 13.87
N ASP A 330 10.06 -18.65 14.13
CA ASP A 330 11.28 -19.05 13.47
C ASP A 330 12.04 -20.01 14.39
N THR A 331 11.65 -21.28 14.34
CA THR A 331 12.19 -22.33 15.21
C THR A 331 12.68 -23.46 14.33
N PRO A 332 13.55 -24.36 14.81
CA PRO A 332 13.97 -25.48 13.98
C PRO A 332 12.81 -26.27 13.36
N ALA A 333 11.81 -26.59 14.18
CA ALA A 333 10.68 -27.38 13.73
C ALA A 333 9.91 -26.69 12.60
N ASN A 334 9.63 -25.40 12.76
CA ASN A 334 8.94 -24.61 11.74
C ASN A 334 9.82 -24.44 10.50
N ARG A 335 11.14 -24.34 10.65
CA ARG A 335 12.01 -24.21 9.49
C ARG A 335 12.00 -25.52 8.70
N GLU A 336 11.92 -26.66 9.37
CA GLU A 336 11.95 -27.96 8.71
C GLU A 336 10.63 -28.18 7.95
N LEU A 337 9.52 -27.83 8.58
CA LEU A 337 8.23 -27.91 7.92
C LEU A 337 8.14 -26.95 6.72
N TYR A 338 8.69 -25.72 6.87
CA TYR A 338 8.67 -24.75 5.78
C TYR A 338 9.49 -25.23 4.59
N GLU A 339 10.69 -25.76 4.88
CA GLU A 339 11.59 -26.24 3.84
C GLU A 339 10.96 -27.43 3.11
N ARG A 340 10.34 -28.35 3.84
CA ARG A 340 9.84 -29.59 3.27
C ARG A 340 8.50 -29.38 2.58
N GLU A 341 7.61 -28.58 3.16
CA GLU A 341 6.23 -28.49 2.70
C GLU A 341 5.78 -27.05 2.44
N ARG A 342 6.61 -26.05 2.73
CA ARG A 342 6.17 -24.66 2.66
C ARG A 342 4.89 -24.47 3.46
N ARG A 343 4.83 -25.09 4.64
CA ARG A 343 3.68 -24.90 5.50
C ARG A 343 4.15 -24.47 6.88
N GLY A 344 3.19 -24.36 7.79
CA GLY A 344 3.43 -23.99 9.18
C GLY A 344 3.54 -22.48 9.34
N PRO A 345 3.84 -22.00 10.56
CA PRO A 345 3.84 -20.58 10.88
C PRO A 345 4.63 -19.68 9.93
N LEU A 346 5.74 -20.18 9.35
CA LEU A 346 6.58 -19.30 8.53
C LEU A 346 5.88 -18.93 7.21
N SER A 347 4.88 -19.71 6.80
CA SER A 347 4.06 -19.42 5.63
C SER A 347 2.99 -18.36 5.90
N SER A 348 2.78 -17.98 7.17
CA SER A 348 1.77 -17.00 7.50
C SER A 348 2.29 -15.59 7.21
N ASN A 349 1.40 -14.71 6.69
CA ASN A 349 1.67 -13.29 6.56
C ASN A 349 1.30 -12.53 7.84
N ILE A 350 0.84 -13.26 8.87
CA ILE A 350 0.47 -12.76 10.18
C ILE A 350 -0.94 -12.18 10.17
N ALA A 351 -1.26 -11.30 9.22
CA ALA A 351 -2.57 -10.69 9.08
C ALA A 351 -3.51 -11.62 8.30
N GLU A 352 -4.04 -12.63 9.00
CA GLU A 352 -4.61 -13.80 8.34
C GLU A 352 -6.08 -13.65 7.94
N ALA A 353 -6.83 -12.72 8.55
CA ALA A 353 -8.24 -12.56 8.19
C ALA A 353 -8.63 -11.08 8.26
N VAL A 354 -9.73 -10.73 7.57
CA VAL A 354 -10.20 -9.35 7.52
C VAL A 354 -11.71 -9.34 7.70
N ALA A 355 -12.24 -8.21 8.18
CA ALA A 355 -13.69 -8.01 8.24
C ALA A 355 -13.99 -6.56 7.87
N PHE A 356 -15.18 -6.35 7.29
CA PHE A 356 -15.59 -5.04 6.82
C PHE A 356 -16.99 -4.75 7.38
N LEU A 357 -17.21 -3.49 7.80
CA LEU A 357 -18.47 -3.03 8.41
C LEU A 357 -18.53 -1.51 8.36
N ARG A 358 -19.69 -0.94 8.73
CA ARG A 358 -19.83 0.49 8.95
C ARG A 358 -19.96 0.82 10.43
N ALA A 359 -19.31 1.91 10.84
CA ALA A 359 -19.44 2.42 12.21
C ALA A 359 -20.92 2.66 12.56
N ASP A 360 -21.74 3.10 11.60
CA ASP A 360 -23.15 3.37 11.86
C ASP A 360 -24.03 2.14 11.71
N GLY A 361 -23.48 0.99 11.34
CA GLY A 361 -24.27 -0.23 11.31
C GLY A 361 -25.13 -0.33 10.06
N GLY A 362 -25.00 0.63 9.14
CA GLY A 362 -25.86 0.71 7.98
C GLY A 362 -25.51 -0.34 6.93
N THR A 363 -26.26 -0.36 5.84
CA THR A 363 -25.80 -1.02 4.64
C THR A 363 -25.09 0.08 3.83
N GLY A 364 -24.51 -0.33 2.72
CA GLY A 364 -23.62 0.59 2.03
C GLY A 364 -22.18 0.24 2.32
N ALA A 365 -21.29 0.85 1.53
CA ALA A 365 -19.88 0.54 1.53
C ALA A 365 -19.26 0.73 2.91
N PRO A 366 -18.29 -0.13 3.30
CA PRO A 366 -17.71 -0.05 4.65
C PRO A 366 -16.82 1.17 4.89
N ASP A 367 -16.84 1.69 6.13
CA ASP A 367 -15.87 2.70 6.55
C ASP A 367 -14.91 2.17 7.61
N LEU A 368 -15.05 0.89 7.98
CA LEU A 368 -14.16 0.23 8.94
C LEU A 368 -13.71 -1.11 8.38
N GLU A 369 -12.45 -1.44 8.67
CA GLU A 369 -11.93 -2.78 8.46
C GLU A 369 -11.36 -3.28 9.77
N LEU A 370 -11.51 -4.59 10.02
CA LEU A 370 -10.90 -5.25 11.16
C LEU A 370 -9.92 -6.29 10.62
N ILE A 371 -8.66 -6.24 11.06
CA ILE A 371 -7.65 -7.19 10.64
C ILE A 371 -7.29 -8.05 11.84
N TRP A 372 -7.37 -9.37 11.65
CA TRP A 372 -7.00 -10.36 12.63
C TRP A 372 -5.55 -10.78 12.42
N ALA A 373 -4.77 -10.65 13.50
CA ALA A 373 -3.41 -11.15 13.56
C ALA A 373 -3.31 -11.99 14.82
N PRO A 374 -3.10 -13.32 14.74
CA PRO A 374 -2.97 -14.13 15.97
C PRO A 374 -1.59 -14.00 16.61
N VAL A 375 -1.29 -12.77 17.05
CA VAL A 375 -0.05 -12.43 17.73
C VAL A 375 -0.34 -11.11 18.41
N ALA A 376 0.54 -10.69 19.33
CA ALA A 376 0.46 -9.38 19.94
C ALA A 376 1.85 -8.78 19.95
N ASP A 377 1.95 -7.51 19.56
CA ASP A 377 3.15 -6.73 19.75
C ASP A 377 3.20 -6.19 21.17
N SER A 378 3.55 -7.09 22.09
CA SER A 378 3.41 -6.84 23.53
C SER A 378 4.47 -7.67 24.24
N GLU A 379 5.48 -7.00 24.77
CA GLU A 379 6.54 -7.68 25.51
C GLU A 379 6.02 -8.24 26.84
N ALA A 380 5.02 -7.57 27.42
CA ALA A 380 4.42 -8.02 28.66
C ALA A 380 3.98 -9.48 28.56
N VAL A 381 3.47 -9.90 27.39
CA VAL A 381 3.03 -11.29 27.27
C VAL A 381 3.94 -12.10 26.34
N GLY A 382 5.12 -11.57 26.03
CA GLY A 382 6.09 -12.29 25.21
C GLY A 382 5.55 -12.54 23.79
N GLY A 383 4.68 -11.63 23.32
CA GLY A 383 4.04 -11.82 22.02
C GLY A 383 2.83 -12.77 22.03
N GLN A 384 2.54 -13.42 23.18
CA GLN A 384 1.49 -14.41 23.25
C GLN A 384 0.15 -13.76 23.54
N GLY A 385 -0.35 -13.09 22.50
CA GLY A 385 -1.63 -12.40 22.55
C GLY A 385 -2.24 -12.44 21.15
N LEU A 386 -3.43 -11.86 21.01
CA LEU A 386 -4.20 -11.89 19.79
C LEU A 386 -4.65 -10.46 19.52
N THR A 387 -4.58 -10.03 18.25
CA THR A 387 -4.82 -8.65 17.87
C THR A 387 -5.96 -8.58 16.83
N ILE A 388 -6.84 -7.59 17.04
CA ILE A 388 -7.74 -7.07 16.01
C ILE A 388 -7.30 -5.65 15.74
N ALA A 389 -6.74 -5.44 14.54
CA ALA A 389 -6.42 -4.08 14.11
C ALA A 389 -7.69 -3.43 13.58
N VAL A 390 -8.03 -2.25 14.12
CA VAL A 390 -9.21 -1.48 13.73
C VAL A 390 -8.78 -0.35 12.79
N VAL A 391 -9.34 -0.34 11.58
CA VAL A 391 -8.81 0.44 10.48
C VAL A 391 -9.85 1.46 10.02
N LEU A 392 -9.45 2.73 10.00
CA LEU A 392 -10.27 3.81 9.47
C LEU A 392 -10.09 3.84 7.96
N LEU A 393 -11.09 3.35 7.22
CA LEU A 393 -10.94 3.12 5.78
C LEU A 393 -11.18 4.39 4.98
N GLN A 394 -11.96 5.33 5.51
CA GLN A 394 -12.30 6.53 4.77
C GLN A 394 -12.05 7.77 5.61
N PRO A 395 -10.77 8.12 5.88
CA PRO A 395 -10.47 9.26 6.72
C PRO A 395 -10.96 10.57 6.11
N ASP A 396 -11.39 11.50 6.96
CA ASP A 396 -11.66 12.88 6.54
C ASP A 396 -10.39 13.72 6.69
N SER A 397 -9.46 13.27 7.52
CA SER A 397 -8.19 13.98 7.70
C SER A 397 -7.40 13.99 6.40
N ARG A 398 -6.64 15.07 6.19
CA ARG A 398 -5.79 15.18 5.01
C ARG A 398 -4.47 15.79 5.40
N GLY A 399 -3.41 15.52 4.62
CA GLY A 399 -2.10 16.09 4.91
C GLY A 399 -1.33 16.39 3.63
N GLY A 400 -0.01 16.45 3.76
CA GLY A 400 0.79 16.68 2.58
C GLY A 400 2.25 16.32 2.80
N ILE A 401 3.01 16.39 1.71
CA ILE A 401 4.46 16.21 1.72
C ILE A 401 5.09 17.45 1.08
N THR A 402 6.11 18.00 1.74
CA THR A 402 6.84 19.15 1.23
C THR A 402 8.34 18.87 1.30
N LEU A 403 9.15 19.71 0.64
CA LEU A 403 10.60 19.55 0.70
C LEU A 403 11.13 20.15 1.99
N ALA A 404 12.12 19.50 2.57
CA ALA A 404 12.87 20.07 3.69
C ALA A 404 13.90 21.06 3.15
N GLY A 405 14.32 20.86 1.91
CA GLY A 405 15.29 21.72 1.24
C GLY A 405 15.61 21.10 -0.12
N ALA A 406 16.64 21.63 -0.79
CA ALA A 406 16.92 21.27 -2.16
C ALA A 406 17.82 20.03 -2.28
N ASP A 407 18.32 19.49 -1.17
CA ASP A 407 19.19 18.33 -1.28
C ASP A 407 18.36 17.10 -1.71
N PRO A 408 18.67 16.49 -2.89
CA PRO A 408 17.86 15.38 -3.40
C PRO A 408 17.94 14.11 -2.59
N SER A 409 18.95 14.03 -1.72
CA SER A 409 19.16 12.91 -0.84
C SER A 409 18.43 13.09 0.49
N ALA A 410 17.93 14.29 0.80
CA ALA A 410 17.26 14.52 2.08
C ALA A 410 15.82 14.00 2.01
N ALA A 411 15.30 13.41 3.10
CA ALA A 411 13.90 13.05 3.15
C ALA A 411 13.04 14.32 3.07
N PRO A 412 11.82 14.20 2.51
CA PRO A 412 10.86 15.29 2.52
C PRO A 412 10.16 15.27 3.86
N LEU A 413 9.39 16.33 4.10
CA LEU A 413 8.60 16.50 5.32
C LEU A 413 7.21 15.94 5.10
N ILE A 414 6.89 14.88 5.85
CA ILE A 414 5.67 14.12 5.68
C ILE A 414 4.75 14.46 6.86
N ASP A 415 3.62 15.10 6.54
CA ASP A 415 2.64 15.50 7.54
C ASP A 415 1.27 14.98 7.14
N PRO A 416 0.86 13.74 7.54
CA PRO A 416 -0.46 13.23 7.18
C PRO A 416 -1.69 13.89 7.79
N GLY A 417 -1.47 14.69 8.84
CA GLY A 417 -2.58 15.32 9.52
C GLY A 417 -3.46 14.29 10.22
N TYR A 418 -2.87 13.20 10.74
CA TYR A 418 -3.65 12.11 11.30
C TYR A 418 -4.58 12.62 12.41
N LEU A 419 -5.86 12.20 12.35
CA LEU A 419 -6.88 12.52 13.36
C LEU A 419 -7.04 14.02 13.53
N GLY A 420 -6.78 14.77 12.45
CA GLY A 420 -7.07 16.19 12.43
C GLY A 420 -8.58 16.38 12.45
N ALA A 421 -9.29 15.52 11.72
CA ALA A 421 -10.75 15.46 11.72
C ALA A 421 -11.27 14.64 12.90
N GLU A 422 -12.10 15.29 13.75
CA GLU A 422 -12.64 14.62 14.92
C GLU A 422 -13.53 13.45 14.52
N SER A 423 -14.20 13.50 13.38
CA SER A 423 -14.99 12.36 12.93
C SER A 423 -14.14 11.09 12.82
N ASP A 424 -12.86 11.23 12.47
CA ASP A 424 -11.99 10.06 12.31
C ASP A 424 -11.80 9.38 13.67
N VAL A 425 -11.71 10.18 14.75
CA VAL A 425 -11.51 9.66 16.07
C VAL A 425 -12.75 8.87 16.50
N ARG A 426 -13.92 9.46 16.21
CA ARG A 426 -15.19 8.85 16.59
C ARG A 426 -15.38 7.54 15.83
N THR A 427 -14.98 7.51 14.55
CA THR A 427 -15.15 6.30 13.75
C THR A 427 -14.27 5.18 14.31
N LEU A 428 -13.02 5.49 14.64
CA LEU A 428 -12.11 4.52 15.24
C LEU A 428 -12.61 4.05 16.60
N ALA A 429 -13.20 4.94 17.41
CA ALA A 429 -13.76 4.57 18.71
C ALA A 429 -14.85 3.52 18.52
N ALA A 430 -15.70 3.72 17.52
CA ALA A 430 -16.76 2.79 17.20
C ALA A 430 -16.20 1.44 16.78
N GLY A 431 -15.13 1.46 15.99
CA GLY A 431 -14.51 0.22 15.59
C GLY A 431 -13.84 -0.52 16.74
N VAL A 432 -13.23 0.19 17.70
CA VAL A 432 -12.67 -0.45 18.88
C VAL A 432 -13.79 -1.11 19.69
N ARG A 433 -14.96 -0.46 19.79
CA ARG A 433 -16.10 -1.07 20.48
C ARG A 433 -16.52 -2.38 19.80
N PHE A 434 -16.46 -2.40 18.46
CA PHE A 434 -16.84 -3.58 17.73
C PHE A 434 -15.82 -4.71 17.92
N ALA A 435 -14.51 -4.37 17.87
CA ALA A 435 -13.45 -5.31 18.17
C ALA A 435 -13.66 -5.90 19.56
N GLU A 436 -14.02 -5.02 20.52
CA GLU A 436 -14.25 -5.51 21.87
C GLU A 436 -15.42 -6.50 21.89
N ARG A 437 -16.46 -6.21 21.10
CA ARG A 437 -17.62 -7.04 20.99
C ARG A 437 -17.18 -8.42 20.49
N LEU A 438 -16.25 -8.44 19.54
CA LEU A 438 -15.79 -9.67 18.98
C LEU A 438 -15.02 -10.48 20.03
N PHE A 439 -14.08 -9.85 20.72
CA PHE A 439 -13.37 -10.55 21.76
C PHE A 439 -14.30 -11.02 22.88
N ALA A 440 -15.47 -10.39 23.03
CA ALA A 440 -16.46 -10.83 24.01
C ALA A 440 -17.32 -11.95 23.47
N ALA A 441 -17.23 -12.25 22.17
CA ALA A 441 -18.07 -13.27 21.55
C ALA A 441 -17.72 -14.67 22.07
N GLU A 442 -18.69 -15.60 21.93
CA GLU A 442 -18.52 -16.95 22.41
C GLU A 442 -17.30 -17.58 21.76
N ALA A 443 -17.10 -17.33 20.46
CA ALA A 443 -16.05 -17.99 19.73
C ALA A 443 -14.66 -17.50 20.14
N LEU A 444 -14.53 -16.30 20.74
CA LEU A 444 -13.22 -15.75 21.07
C LEU A 444 -12.95 -15.66 22.57
N ARG A 445 -13.99 -15.46 23.42
CA ARG A 445 -13.72 -15.06 24.80
C ARG A 445 -12.92 -16.11 25.57
N GLY A 446 -13.06 -17.38 25.17
CA GLY A 446 -12.32 -18.49 25.79
C GLY A 446 -10.83 -18.46 25.42
N LEU A 447 -10.45 -17.67 24.40
CA LEU A 447 -9.07 -17.69 23.94
C LEU A 447 -8.22 -16.60 24.61
N VAL A 448 -8.88 -15.69 25.35
CA VAL A 448 -8.21 -14.49 25.85
C VAL A 448 -8.51 -14.32 27.34
N ASP A 449 -7.62 -13.61 28.02
CA ASP A 449 -7.74 -13.31 29.43
C ASP A 449 -7.10 -11.95 29.70
N GLY A 450 -7.88 -10.88 29.53
CA GLY A 450 -7.40 -9.54 29.74
C GLY A 450 -6.55 -9.00 28.59
N PRO A 451 -6.26 -7.70 28.64
CA PRO A 451 -5.57 -7.00 27.56
C PRO A 451 -4.08 -7.29 27.62
N ALA A 452 -3.40 -7.05 26.51
CA ALA A 452 -1.93 -7.20 26.48
C ALA A 452 -1.29 -5.82 26.43
N ALA A 453 -0.56 -5.45 27.49
CA ALA A 453 -0.05 -4.08 27.59
C ALA A 453 0.82 -3.79 26.37
N PRO A 454 0.86 -2.55 25.85
CA PRO A 454 0.17 -1.41 26.45
C PRO A 454 -1.29 -1.18 26.06
N TRP A 455 -1.93 -2.11 25.35
CA TRP A 455 -3.38 -1.96 25.20
C TRP A 455 -3.99 -2.06 26.61
N PRO A 456 -4.77 -1.05 27.09
CA PRO A 456 -5.34 -1.10 28.44
C PRO A 456 -6.64 -1.86 28.65
N GLY A 457 -7.22 -2.34 27.55
CA GLY A 457 -8.50 -3.00 27.61
C GLY A 457 -9.61 -1.97 27.62
N PRO A 458 -10.87 -2.37 27.90
CA PRO A 458 -12.01 -1.47 27.80
C PRO A 458 -11.88 -0.27 28.74
N VAL A 459 -12.20 0.92 28.21
CA VAL A 459 -12.22 2.17 28.95
C VAL A 459 -13.54 2.84 28.59
N GLY A 460 -13.89 3.91 29.34
CA GLY A 460 -15.14 4.63 29.06
C GLY A 460 -15.04 5.47 27.78
N ASP A 461 -16.17 6.08 27.40
CA ASP A 461 -16.28 6.76 26.12
C ASP A 461 -15.24 7.88 25.94
N ASP A 462 -15.09 8.77 26.93
CA ASP A 462 -14.15 9.87 26.79
C ASP A 462 -12.72 9.35 26.77
N ALA A 463 -12.45 8.38 27.66
CA ALA A 463 -11.14 7.78 27.72
C ALA A 463 -10.80 7.14 26.37
N LEU A 464 -11.80 6.64 25.64
CA LEU A 464 -11.56 5.86 24.43
C LEU A 464 -11.05 6.80 23.33
N GLU A 465 -11.60 8.01 23.29
CA GLU A 465 -11.16 8.97 22.30
C GLU A 465 -9.70 9.30 22.53
N ARG A 466 -9.30 9.50 23.80
CA ARG A 466 -7.91 9.80 24.12
C ARG A 466 -7.02 8.61 23.79
N LEU A 467 -7.49 7.38 24.08
CA LEU A 467 -6.72 6.17 23.77
C LEU A 467 -6.49 6.01 22.26
N VAL A 468 -7.52 6.25 21.45
CA VAL A 468 -7.38 6.24 20.00
C VAL A 468 -6.23 7.16 19.56
N ARG A 469 -6.23 8.41 20.04
CA ARG A 469 -5.16 9.32 19.67
C ARG A 469 -3.81 8.83 20.16
N GLU A 470 -3.78 8.13 21.31
CA GLU A 470 -2.51 7.69 21.86
C GLU A 470 -1.96 6.48 21.10
N ARG A 471 -2.82 5.68 20.46
CA ARG A 471 -2.39 4.39 19.90
C ARG A 471 -2.46 4.33 18.38
N ALA A 472 -3.17 5.23 17.73
CA ALA A 472 -3.36 5.13 16.28
C ALA A 472 -2.02 5.24 15.55
N SER A 473 -1.89 4.50 14.44
CA SER A 473 -0.67 4.57 13.66
C SER A 473 -0.99 4.25 12.19
N THR A 474 -0.03 4.48 11.28
CA THR A 474 -0.24 4.22 9.86
C THR A 474 -0.56 2.75 9.62
N LEU A 475 -1.36 2.49 8.58
CA LEU A 475 -1.52 1.13 8.07
C LEU A 475 -0.86 0.98 6.69
N PHE A 476 0.06 1.88 6.34
CA PHE A 476 1.02 1.70 5.26
C PHE A 476 0.39 1.88 3.89
N HIS A 477 -0.73 2.64 3.78
CA HIS A 477 -1.45 2.78 2.54
C HIS A 477 -1.50 4.24 2.08
N PRO A 478 -0.38 4.99 2.05
CA PRO A 478 -0.42 6.40 1.64
C PRO A 478 -0.63 6.61 0.15
N VAL A 479 -1.52 7.56 -0.20
CA VAL A 479 -1.89 7.82 -1.59
C VAL A 479 -2.07 9.33 -1.79
N GLY A 480 -2.06 9.78 -3.04
CA GLY A 480 -2.85 10.95 -3.44
C GLY A 480 -2.04 12.23 -3.66
N THR A 481 -0.70 12.17 -3.49
CA THR A 481 0.16 13.35 -3.60
C THR A 481 0.40 13.82 -5.04
N CYS A 482 0.03 13.02 -6.06
CA CYS A 482 0.12 13.42 -7.46
C CYS A 482 -1.23 13.16 -8.13
N ARG A 483 -2.28 13.72 -7.53
CA ARG A 483 -3.65 13.34 -7.83
C ARG A 483 -4.01 13.58 -9.29
N MET A 484 -4.76 12.62 -9.82
CA MET A 484 -5.32 12.79 -11.16
C MET A 484 -6.49 13.78 -11.14
N GLY A 485 -6.64 14.46 -12.28
CA GLY A 485 -7.79 15.30 -12.50
C GLY A 485 -7.74 15.99 -13.86
N ARG A 486 -8.91 16.48 -14.27
CA ARG A 486 -9.10 17.10 -15.57
C ARG A 486 -8.44 18.47 -15.57
N ALA A 487 -8.01 18.90 -16.77
CA ALA A 487 -7.60 20.28 -16.98
C ALA A 487 -8.68 21.20 -16.43
N GLY A 488 -8.26 22.22 -15.69
CA GLY A 488 -9.20 23.16 -15.07
C GLY A 488 -9.27 22.92 -13.56
N ASP A 489 -8.87 21.72 -13.12
CA ASP A 489 -8.92 21.39 -11.70
C ASP A 489 -7.57 21.81 -11.14
N GLU A 490 -7.53 22.90 -10.37
CA GLU A 490 -6.29 23.61 -10.08
C GLU A 490 -5.27 22.79 -9.27
N GLN A 491 -5.76 21.90 -8.42
CA GLN A 491 -4.93 21.07 -7.57
C GLN A 491 -4.76 19.66 -8.18
N ALA A 492 -5.21 19.42 -9.42
CA ALA A 492 -4.86 18.20 -10.10
C ALA A 492 -3.37 18.24 -10.50
N VAL A 493 -2.69 17.10 -10.40
CA VAL A 493 -1.30 17.00 -10.78
C VAL A 493 -1.12 16.32 -12.14
N VAL A 494 -1.82 15.21 -12.35
CA VAL A 494 -1.79 14.55 -13.64
C VAL A 494 -3.19 14.61 -14.24
N ASP A 495 -3.24 14.45 -15.56
CA ASP A 495 -4.50 14.41 -16.27
C ASP A 495 -5.05 12.98 -16.27
N PRO A 496 -6.22 12.73 -16.90
CA PRO A 496 -6.81 11.39 -16.88
C PRO A 496 -5.94 10.34 -17.57
N TRP A 497 -5.01 10.78 -18.41
CA TRP A 497 -4.04 9.91 -19.06
C TRP A 497 -2.74 9.83 -18.26
N LEU A 498 -2.76 10.36 -17.03
CA LEU A 498 -1.64 10.30 -16.09
C LEU A 498 -0.46 11.18 -16.50
N ARG A 499 -0.70 12.12 -17.42
CA ARG A 499 0.31 13.08 -17.85
C ARG A 499 0.31 14.26 -16.90
N VAL A 500 1.51 14.66 -16.46
CA VAL A 500 1.67 15.82 -15.61
C VAL A 500 1.18 17.04 -16.38
N HIS A 501 0.28 17.80 -15.74
CA HIS A 501 -0.28 18.99 -16.35
C HIS A 501 0.82 20.03 -16.56
N GLY A 502 1.02 20.40 -17.83
CA GLY A 502 1.91 21.53 -18.15
C GLY A 502 3.31 21.04 -18.53
N VAL A 503 3.48 19.72 -18.68
CA VAL A 503 4.77 19.17 -19.11
C VAL A 503 4.46 18.13 -20.16
N GLU A 504 5.27 18.08 -21.23
CA GLU A 504 5.14 17.00 -22.18
C GLU A 504 6.08 15.85 -21.81
N GLY A 505 5.68 14.64 -22.18
CA GLY A 505 6.55 13.48 -22.09
C GLY A 505 6.82 13.09 -20.64
N LEU A 506 5.92 13.45 -19.72
CA LEU A 506 6.11 13.09 -18.32
C LEU A 506 4.81 12.59 -17.70
N ARG A 507 4.89 11.39 -17.10
CA ARG A 507 3.73 10.80 -16.45
C ARG A 507 4.10 10.39 -15.03
N VAL A 508 3.05 10.17 -14.24
CA VAL A 508 3.17 9.54 -12.92
C VAL A 508 2.21 8.38 -12.91
N ALA A 509 2.71 7.18 -12.54
CA ALA A 509 1.89 5.98 -12.44
C ALA A 509 2.32 5.17 -11.23
N ASP A 510 1.59 5.35 -10.13
CA ASP A 510 1.81 4.66 -8.86
C ASP A 510 0.67 5.10 -7.95
N ALA A 511 0.76 4.78 -6.65
CA ALA A 511 -0.30 5.10 -5.72
C ALA A 511 -0.45 6.61 -5.52
N SER A 512 0.51 7.44 -5.96
CA SER A 512 0.39 8.87 -5.76
C SER A 512 -0.80 9.48 -6.49
N VAL A 513 -1.25 8.86 -7.59
CA VAL A 513 -2.23 9.48 -8.47
C VAL A 513 -3.65 9.26 -7.97
N ILE A 514 -3.81 8.38 -6.98
CA ILE A 514 -5.12 7.99 -6.48
C ILE A 514 -5.81 9.20 -5.84
N PRO A 515 -7.02 9.60 -6.26
CA PRO A 515 -7.70 10.76 -5.65
C PRO A 515 -8.19 10.53 -4.24
N ARG A 516 -8.69 9.32 -3.96
CA ARG A 516 -9.30 9.01 -2.68
C ARG A 516 -8.79 7.65 -2.23
N VAL A 517 -8.25 7.57 -1.01
CA VAL A 517 -7.79 6.30 -0.47
C VAL A 517 -8.92 5.29 -0.56
N PRO A 518 -8.68 4.04 -1.07
CA PRO A 518 -9.72 3.05 -1.17
C PRO A 518 -10.16 2.39 0.13
N ARG A 519 -11.21 1.57 -0.01
CA ARG A 519 -11.66 0.64 1.01
C ARG A 519 -10.93 -0.69 0.85
N GLY A 520 -9.61 -0.63 0.72
CA GLY A 520 -8.79 -1.83 0.57
C GLY A 520 -7.31 -1.48 0.68
N HIS A 521 -6.44 -2.45 0.46
CA HIS A 521 -5.01 -2.33 0.68
C HIS A 521 -4.39 -1.99 -0.67
N THR A 522 -3.43 -1.06 -0.69
CA THR A 522 -3.14 -0.28 -1.89
C THR A 522 -2.15 -0.94 -2.86
N HIS A 523 -1.57 -2.10 -2.55
CA HIS A 523 -0.74 -2.79 -3.55
C HIS A 523 -1.57 -3.15 -4.78
N ALA A 524 -2.79 -3.64 -4.56
CA ALA A 524 -3.68 -3.93 -5.66
C ALA A 524 -3.89 -2.73 -6.58
N HIS A 525 -4.15 -1.57 -5.99
CA HIS A 525 -4.39 -0.35 -6.75
C HIS A 525 -3.16 0.06 -7.54
N ALA A 526 -1.98 0.00 -6.90
CA ALA A 526 -0.75 0.39 -7.59
C ALA A 526 -0.50 -0.50 -8.82
N VAL A 527 -0.63 -1.82 -8.66
CA VAL A 527 -0.48 -2.74 -9.79
C VAL A 527 -1.48 -2.41 -10.89
N MET A 528 -2.73 -2.17 -10.49
CA MET A 528 -3.77 -1.84 -11.44
C MET A 528 -3.39 -0.57 -12.20
N ILE A 529 -2.85 0.44 -11.51
CA ILE A 529 -2.46 1.69 -12.16
C ILE A 529 -1.30 1.45 -13.13
N GLY A 530 -0.36 0.58 -12.74
CA GLY A 530 0.71 0.20 -13.62
C GLY A 530 0.14 -0.39 -14.92
N GLU A 531 -0.78 -1.35 -14.78
CA GLU A 531 -1.38 -2.00 -15.95
C GLU A 531 -2.11 -0.95 -16.83
N ARG A 532 -2.91 -0.10 -16.17
CA ARG A 532 -3.70 0.91 -16.84
C ARG A 532 -2.81 1.92 -17.57
N ALA A 533 -1.75 2.36 -16.89
CA ALA A 533 -0.78 3.27 -17.47
C ALA A 533 -0.16 2.67 -18.72
N ALA A 534 0.17 1.36 -18.69
CA ALA A 534 0.85 0.76 -19.83
C ALA A 534 -0.05 0.83 -21.06
N GLU A 535 -1.35 0.58 -20.84
CA GLU A 535 -2.32 0.61 -21.93
C GLU A 535 -2.58 2.04 -22.41
N LEU A 536 -2.57 3.01 -21.50
CA LEU A 536 -2.72 4.41 -21.90
C LEU A 536 -1.51 4.82 -22.73
N ILE A 537 -0.31 4.34 -22.39
CA ILE A 537 0.90 4.78 -23.04
C ILE A 537 1.08 4.05 -24.37
N ARG A 538 0.74 2.75 -24.42
CA ARG A 538 0.90 1.99 -25.64
C ARG A 538 -0.30 1.07 -25.81
N PRO A 539 -1.45 1.56 -26.32
CA PRO A 539 -2.65 0.75 -26.45
C PRO A 539 -2.37 -0.56 -27.20
N ALA A 540 -3.01 -1.64 -26.76
CA ALA A 540 -2.82 -2.95 -27.38
C ALA A 540 -3.43 -2.97 -28.79
N GLY A 541 -2.77 -3.66 -29.72
CA GLY A 541 -3.32 -3.93 -31.04
C GLY A 541 -2.97 -2.83 -32.01
#